data_5YTH
#
_entry.id   5YTH
#
_cell.length_a   109.273
_cell.length_b   109.273
_cell.length_c   91.119
_cell.angle_alpha   90.00
_cell.angle_beta   90.00
_cell.angle_gamma   120.00
#
_symmetry.space_group_name_H-M   'P 31 2 1'
#
loop_
_entity.id
_entity.type
_entity.pdbx_description
1 polymer 'DNA polymerase I, thermostable'
2 polymer "DNA (5'-D(*GP*AP*CP*CP*GP*CP*GP*GP*CP*GP*CP*(DOC))-3')"
3 polymer "DNA (5'-D(*AP*AP*AP*CP*GP*GP*CP*GP*CP*CP*GP*(92F)P*GP*GP*TP*C)-3')"
4 non-polymer "2'-DEOXYGUANOSINE-5'-TRIPHOSPHATE"
5 non-polymer 'MAGNESIUM ION'
6 non-polymer GLYCEROL
7 water water
#
loop_
_entity_poly.entity_id
_entity_poly.type
_entity_poly.pdbx_seq_one_letter_code
_entity_poly.pdbx_strand_id
1 'polypeptide(L)'
;LEEAPWPPPEGAFVGFVLSRKEPMWADLLALAAARGGRVHRAPEPYKALRDLKEARGLLAKDLSVLALREGLGLPPGDDP
MLLAYLLDPSNTTPEGVARRYGGEWTEEAGERAALSERLFANLWGRLEGEERLLWLYREVERPLSAVLAHMEATGVRLDV
AYLRALSLEVAEEIARLEAEVFRLAGHPFNLNSRDQLERVLFDELGLPAIGKTEKTGKRSTSAAVLEALREAHPIVEKIL
QYRELTKLKSTYIDPLPDLIHPRTGRLHTRFNQTATATGRLSSSDPNLQNIPVRTPLGQRIRRAFIAEEGWLLVALDYSQ
IELRVLAHLSGDENLIRVFQEGRDIHTETASWMFGVPREAVDPLMRRAAKTINFGVLYGMSAHRLSQELAIPYEEAQAFI
ERYFQSFPKVRAWIEKTLEEGRRRGYVETLFGRRRYVPDLEARVKSVREAAERMAFNMPVQGTAADLMKLAMVKLFPRLE
EMGARMLLQVHDELVLEAPKERAEAVARLAKEVMEGVYPLAVPLEVEVGIGEDWLSAKE
;
A
2 'polydeoxyribonucleotide' (DG)(DA)(DC)(DC)(DG)(DC)(DG)(DG)(DC)(DG)(DC)(DOC) B
3 'polydeoxyribonucleotide' (DA)(DA)(DA)(DC)(DG)(DG)(DC)(DG)(DC)(DC)(DG)(92F)(DG)(DG)(DT)(DC) C
#
loop_
_chem_comp.id
_chem_comp.type
_chem_comp.name
_chem_comp.formula
92F DNA linking 7-amino-3-(2-deoxy-5-O-phosphono-beta-D-erythro-pentofuranosyl)-2-oxo-2,3-dihydropyrido[2,3-d]pyrimidine-6-carbonitrile 'C13 H14 N5 O7 P'
DA DNA linking 2'-DEOXYADENOSINE-5'-MONOPHOSPHATE 'C10 H14 N5 O6 P'
DC DNA linking 2'-DEOXYCYTIDINE-5'-MONOPHOSPHATE 'C9 H14 N3 O7 P'
DG DNA linking 2'-DEOXYGUANOSINE-5'-MONOPHOSPHATE 'C10 H14 N5 O7 P'
DGT non-polymer 2'-DEOXYGUANOSINE-5'-TRIPHOSPHATE 'C10 H16 N5 O13 P3'
DOC DNA linking 2',3'-DIDEOXYCYTIDINE-5'-MONOPHOSPHATE 'C9 H14 N3 O6 P'
DT DNA linking THYMIDINE-5'-MONOPHOSPHATE 'C10 H15 N2 O8 P'
GOL non-polymer GLYCEROL 'C3 H8 O3'
MG non-polymer 'MAGNESIUM ION' 'Mg 2'
#
# COMPACT_ATOMS: atom_id res chain seq x y z
N LEU A 1 -38.40 -14.84 0.72
CA LEU A 1 -37.87 -13.87 1.74
C LEU A 1 -38.81 -12.66 1.85
N GLU A 2 -39.34 -12.43 3.06
CA GLU A 2 -40.48 -11.50 3.24
C GLU A 2 -40.14 -10.02 3.04
N GLU A 3 -40.96 -9.36 2.22
CA GLU A 3 -40.81 -7.93 1.93
C GLU A 3 -41.53 -7.10 2.99
N ALA A 4 -40.76 -6.58 3.95
CA ALA A 4 -41.28 -5.74 5.03
C ALA A 4 -41.03 -4.27 4.71
N PRO A 5 -41.98 -3.37 5.08
CA PRO A 5 -41.75 -1.93 4.85
C PRO A 5 -40.55 -1.33 5.57
N TRP A 6 -40.14 -0.15 5.10
CA TRP A 6 -38.89 0.46 5.51
C TRP A 6 -38.95 1.35 6.76
N PRO A 7 -38.72 0.74 7.92
CA PRO A 7 -37.42 0.96 8.52
C PRO A 7 -36.94 -0.37 9.14
N PRO A 8 -35.66 -0.73 8.94
CA PRO A 8 -35.22 -1.99 9.54
C PRO A 8 -35.05 -1.86 11.05
N PRO A 9 -35.19 -2.97 11.80
CA PRO A 9 -34.93 -2.90 13.24
C PRO A 9 -33.42 -2.85 13.52
N GLU A 10 -33.07 -2.73 14.79
CA GLU A 10 -31.66 -2.63 15.20
C GLU A 10 -30.91 -3.93 14.86
N GLY A 11 -29.70 -3.78 14.31
CA GLY A 11 -28.84 -4.91 13.95
C GLY A 11 -29.08 -5.54 12.58
N ALA A 12 -29.83 -4.88 11.70
CA ALA A 12 -30.12 -5.41 10.36
C ALA A 12 -28.93 -5.20 9.44
N PHE A 13 -28.76 -6.14 8.50
CA PHE A 13 -27.67 -6.08 7.52
C PHE A 13 -28.06 -5.26 6.32
N VAL A 14 -27.11 -4.48 5.82
CA VAL A 14 -27.36 -3.51 4.75
C VAL A 14 -27.00 -4.05 3.38
N GLY A 15 -27.65 -3.53 2.35
CA GLY A 15 -27.29 -3.77 0.95
C GLY A 15 -27.57 -2.50 0.16
N PHE A 16 -26.68 -2.14 -0.75
CA PHE A 16 -26.76 -0.85 -1.41
C PHE A 16 -26.11 -0.92 -2.78
N VAL A 17 -26.58 -0.07 -3.70
CA VAL A 17 -26.06 -0.03 -5.06
C VAL A 17 -25.53 1.37 -5.36
N LEU A 18 -24.39 1.41 -6.04
CA LEU A 18 -23.74 2.65 -6.41
C LEU A 18 -23.73 2.83 -7.93
N SER A 19 -23.66 4.09 -8.37
CA SER A 19 -23.49 4.41 -9.79
C SER A 19 -22.09 4.03 -10.28
N ARG A 20 -21.13 4.07 -9.37
CA ARG A 20 -19.74 3.77 -9.63
C ARG A 20 -19.08 3.30 -8.34
N LYS A 21 -17.87 2.77 -8.46
CA LYS A 21 -17.25 2.05 -7.34
C LYS A 21 -16.74 2.94 -6.20
N GLU A 22 -16.45 4.21 -6.50
CA GLU A 22 -15.87 5.13 -5.51
C GLU A 22 -16.99 5.83 -4.69
N PRO A 23 -17.03 5.61 -3.36
CA PRO A 23 -18.12 6.20 -2.56
C PRO A 23 -18.17 7.73 -2.48
N MET A 24 -17.03 8.41 -2.53
CA MET A 24 -17.01 9.88 -2.61
C MET A 24 -17.58 10.46 -3.90
N TRP A 25 -17.56 9.70 -4.99
CA TRP A 25 -18.14 10.15 -6.27
C TRP A 25 -19.48 9.53 -6.67
N ALA A 26 -19.91 8.48 -5.98
CA ALA A 26 -21.07 7.69 -6.42
C ALA A 26 -22.42 8.31 -6.06
N ASP A 27 -23.43 8.02 -6.89
CA ASP A 27 -24.82 8.24 -6.54
C ASP A 27 -25.36 6.96 -5.89
N LEU A 28 -26.19 7.14 -4.87
CA LEU A 28 -26.78 6.02 -4.13
C LEU A 28 -28.10 5.64 -4.78
N LEU A 29 -28.03 4.67 -5.69
CA LEU A 29 -29.17 4.24 -6.50
C LEU A 29 -30.18 3.39 -5.73
N ALA A 30 -29.71 2.61 -4.75
CA ALA A 30 -30.59 1.74 -3.99
C ALA A 30 -30.02 1.42 -2.61
N LEU A 31 -30.93 1.15 -1.68
CA LEU A 31 -30.57 0.86 -0.29
C LEU A 31 -31.62 -0.09 0.28
N ALA A 32 -31.13 -1.19 0.84
CA ALA A 32 -32.01 -2.19 1.45
C ALA A 32 -31.38 -2.75 2.72
N ALA A 33 -32.20 -3.44 3.52
CA ALA A 33 -31.68 -4.15 4.69
C ALA A 33 -32.45 -5.42 4.98
N ALA A 34 -31.90 -6.24 5.88
CA ALA A 34 -32.45 -7.55 6.15
C ALA A 34 -32.08 -8.07 7.54
N ARG A 35 -33.08 -8.55 8.27
CA ARG A 35 -32.86 -9.18 9.57
C ARG A 35 -33.96 -10.16 9.88
N GLY A 36 -33.57 -11.36 10.32
CA GLY A 36 -34.53 -12.37 10.74
C GLY A 36 -35.53 -12.71 9.66
N GLY A 37 -35.00 -13.08 8.48
CA GLY A 37 -35.83 -13.50 7.35
C GLY A 37 -36.80 -12.45 6.83
N ARG A 38 -36.31 -11.23 6.66
CA ARG A 38 -37.09 -10.13 6.08
C ARG A 38 -36.20 -9.26 5.23
N VAL A 39 -36.78 -8.62 4.23
CA VAL A 39 -36.09 -7.63 3.39
C VAL A 39 -36.84 -6.29 3.46
N HIS A 40 -36.11 -5.22 3.70
CA HIS A 40 -36.65 -3.86 3.73
C HIS A 40 -35.99 -3.09 2.59
N ARG A 41 -36.79 -2.63 1.63
CA ARG A 41 -36.29 -1.86 0.49
C ARG A 41 -36.66 -0.39 0.64
N ALA A 42 -35.68 0.46 0.93
CA ALA A 42 -35.91 1.90 1.13
C ALA A 42 -36.49 2.57 -0.11
N PRO A 43 -37.61 3.33 0.05
CA PRO A 43 -38.22 4.00 -1.11
C PRO A 43 -37.43 5.20 -1.61
N GLU A 44 -36.90 6.02 -0.69
CA GLU A 44 -35.93 7.05 -1.05
C GLU A 44 -34.63 6.76 -0.27
N PRO A 45 -33.57 6.33 -0.98
CA PRO A 45 -32.30 5.91 -0.36
C PRO A 45 -31.59 6.96 0.49
N TYR A 46 -31.50 8.19 -0.01
CA TYR A 46 -30.78 9.26 0.70
C TYR A 46 -31.44 9.63 2.04
N LYS A 47 -32.77 9.69 2.06
CA LYS A 47 -33.50 9.89 3.32
C LYS A 47 -33.31 8.68 4.21
N ALA A 48 -33.58 7.51 3.62
CA ALA A 48 -33.46 6.22 4.31
C ALA A 48 -32.14 6.00 5.08
N LEU A 49 -31.06 6.60 4.59
CA LEU A 49 -29.77 6.63 5.30
C LEU A 49 -29.81 7.22 6.71
N ARG A 50 -30.66 8.22 6.93
CA ARG A 50 -30.80 8.86 8.26
C ARG A 50 -31.24 7.88 9.38
N ASP A 51 -31.98 6.83 8.99
CA ASP A 51 -32.54 5.88 9.94
C ASP A 51 -31.53 4.93 10.56
N LEU A 52 -30.40 4.71 9.89
CA LEU A 52 -29.45 3.67 10.29
C LEU A 52 -28.54 4.09 11.43
N LYS A 53 -28.40 3.21 12.42
CA LYS A 53 -27.43 3.37 13.51
C LYS A 53 -26.01 3.08 13.02
N GLU A 54 -25.85 2.06 12.18
CA GLU A 54 -24.54 1.68 11.63
C GLU A 54 -24.63 0.96 10.29
N ALA A 55 -23.52 0.99 9.54
CA ALA A 55 -23.40 0.24 8.30
C ALA A 55 -22.88 -1.15 8.64
N ARG A 56 -23.71 -2.16 8.41
CA ARG A 56 -23.46 -3.52 8.84
C ARG A 56 -23.69 -4.48 7.68
N GLY A 57 -22.61 -4.89 7.01
CA GLY A 57 -22.71 -5.74 5.81
C GLY A 57 -21.51 -5.73 4.90
N LEU A 58 -21.66 -6.38 3.76
CA LEU A 58 -20.64 -6.39 2.72
C LEU A 58 -20.29 -4.96 2.33
N LEU A 59 -19.01 -4.63 2.37
CA LEU A 59 -18.53 -3.27 2.06
C LEU A 59 -19.15 -2.17 2.94
N ALA A 60 -19.32 -2.45 4.23
CA ALA A 60 -19.84 -1.45 5.16
C ALA A 60 -19.12 -0.11 5.04
N LYS A 61 -17.79 -0.15 4.91
CA LYS A 61 -16.98 1.08 4.87
C LYS A 61 -17.37 2.03 3.73
N ASP A 62 -17.59 1.49 2.54
CA ASP A 62 -17.99 2.30 1.38
C ASP A 62 -19.25 3.10 1.67
N LEU A 63 -20.25 2.49 2.29
CA LEU A 63 -21.49 3.19 2.63
C LEU A 63 -21.27 4.23 3.73
N SER A 64 -20.42 3.90 4.71
CA SER A 64 -20.06 4.83 5.77
CA SER A 64 -20.06 4.84 5.77
C SER A 64 -19.31 6.05 5.21
N VAL A 65 -18.45 5.82 4.22
CA VAL A 65 -17.73 6.91 3.55
C VAL A 65 -18.72 7.86 2.88
N LEU A 66 -19.65 7.29 2.11
CA LEU A 66 -20.67 8.09 1.42
C LEU A 66 -21.60 8.79 2.42
N ALA A 67 -21.89 8.13 3.53
CA ALA A 67 -22.68 8.73 4.61
C ALA A 67 -21.98 9.95 5.18
N LEU A 68 -20.70 9.80 5.50
CA LEU A 68 -19.86 10.90 5.98
C LEU A 68 -19.82 12.09 5.00
N ARG A 69 -19.74 11.79 3.72
CA ARG A 69 -19.86 12.79 2.67
C ARG A 69 -21.15 13.62 2.77
N GLU A 70 -22.23 13.00 3.22
CA GLU A 70 -23.52 13.67 3.42
C GLU A 70 -23.76 14.23 4.84
N GLY A 71 -22.72 14.33 5.65
CA GLY A 71 -22.82 14.86 7.01
C GLY A 71 -23.34 13.90 8.07
N LEU A 72 -23.43 12.61 7.72
CA LEU A 72 -23.97 11.59 8.60
C LEU A 72 -22.83 10.77 9.18
N GLY A 73 -22.81 10.59 10.49
CA GLY A 73 -21.73 9.86 11.16
C GLY A 73 -22.05 8.38 11.29
N LEU A 74 -22.50 7.77 10.20
CA LEU A 74 -22.90 6.36 10.19
C LEU A 74 -21.62 5.53 10.15
N PRO A 75 -21.23 4.89 11.29
CA PRO A 75 -19.96 4.20 11.29
C PRO A 75 -20.12 2.78 10.74
N PRO A 76 -19.02 2.15 10.29
CA PRO A 76 -19.09 0.79 9.79
C PRO A 76 -18.86 -0.26 10.88
N GLY A 77 -19.69 -1.29 10.89
CA GLY A 77 -19.56 -2.42 11.81
C GLY A 77 -19.20 -3.69 11.06
N ASP A 78 -19.95 -4.76 11.32
CA ASP A 78 -19.66 -6.09 10.75
C ASP A 78 -19.65 -6.07 9.23
N ASP A 79 -18.71 -6.82 8.66
CA ASP A 79 -18.56 -6.99 7.22
C ASP A 79 -18.04 -8.41 6.92
N PRO A 80 -18.86 -9.24 6.26
CA PRO A 80 -18.40 -10.58 5.89
C PRO A 80 -17.07 -10.63 5.10
N MET A 81 -16.80 -9.61 4.29
CA MET A 81 -15.50 -9.51 3.59
C MET A 81 -14.31 -9.54 4.55
N LEU A 82 -14.42 -8.82 5.67
CA LEU A 82 -13.35 -8.75 6.65
C LEU A 82 -13.12 -10.09 7.32
N LEU A 83 -14.20 -10.87 7.49
CA LEU A 83 -14.13 -12.21 8.04
C LEU A 83 -13.44 -13.16 7.06
N ALA A 84 -13.91 -13.13 5.82
CA ALA A 84 -13.35 -13.95 4.75
C ALA A 84 -11.87 -13.66 4.50
N TYR A 85 -11.51 -12.38 4.54
CA TYR A 85 -10.13 -11.94 4.32
C TYR A 85 -9.15 -12.43 5.41
N LEU A 86 -9.65 -12.62 6.63
CA LEU A 86 -8.85 -13.23 7.69
C LEU A 86 -8.83 -14.76 7.62
N LEU A 87 -9.94 -15.37 7.20
CA LEU A 87 -9.96 -16.80 6.92
C LEU A 87 -8.97 -17.13 5.80
N ASP A 88 -9.03 -16.38 4.69
CA ASP A 88 -8.09 -16.54 3.56
C ASP A 88 -7.91 -15.18 2.85
N PRO A 89 -6.69 -14.62 2.86
CA PRO A 89 -6.48 -13.30 2.21
C PRO A 89 -6.59 -13.27 0.70
N SER A 90 -6.71 -14.43 0.05
CA SER A 90 -7.15 -14.50 -1.33
C SER A 90 -8.66 -14.23 -1.47
N ASN A 91 -9.43 -14.29 -0.38
CA ASN A 91 -10.83 -13.81 -0.39
C ASN A 91 -10.84 -12.30 -0.45
N THR A 92 -10.82 -11.74 -1.67
CA THR A 92 -10.64 -10.29 -1.88
C THR A 92 -11.82 -9.49 -2.43
N THR A 93 -12.74 -10.13 -3.15
CA THR A 93 -13.91 -9.47 -3.76
C THR A 93 -15.20 -10.16 -3.34
N PRO A 94 -16.33 -9.42 -3.35
CA PRO A 94 -17.59 -10.04 -2.96
C PRO A 94 -18.13 -11.05 -3.98
N GLU A 95 -17.74 -10.91 -5.24
CA GLU A 95 -18.09 -11.90 -6.27
C GLU A 95 -17.52 -13.27 -5.88
N GLY A 96 -16.23 -13.28 -5.54
CA GLY A 96 -15.54 -14.50 -5.14
C GLY A 96 -16.03 -15.07 -3.83
N VAL A 97 -16.14 -14.21 -2.82
CA VAL A 97 -16.57 -14.62 -1.49
C VAL A 97 -17.96 -15.25 -1.52
N ALA A 98 -18.90 -14.53 -2.14
CA ALA A 98 -20.29 -14.99 -2.29
C ALA A 98 -20.33 -16.41 -2.80
N ARG A 99 -19.67 -16.64 -3.93
CA ARG A 99 -19.64 -17.98 -4.54
C ARG A 99 -19.00 -19.01 -3.65
N ARG A 100 -17.88 -18.65 -3.03
CA ARG A 100 -17.18 -19.58 -2.14
C ARG A 100 -18.01 -19.94 -0.89
N TYR A 101 -18.82 -19.01 -0.39
CA TYR A 101 -19.48 -19.17 0.92
C TYR A 101 -21.03 -19.12 0.91
N GLY A 102 -21.64 -19.28 -0.26
CA GLY A 102 -23.06 -19.67 -0.33
C GLY A 102 -24.07 -18.63 -0.77
N GLY A 103 -23.69 -17.80 -1.74
CA GLY A 103 -24.62 -16.89 -2.40
C GLY A 103 -24.10 -16.40 -3.73
N GLU A 104 -24.70 -15.33 -4.23
CA GLU A 104 -24.33 -14.73 -5.50
C GLU A 104 -24.37 -13.21 -5.37
N TRP A 105 -23.26 -12.55 -5.72
CA TRP A 105 -23.18 -11.09 -5.73
C TRP A 105 -23.95 -10.54 -6.92
N THR A 106 -25.10 -9.92 -6.63
CA THR A 106 -26.01 -9.42 -7.67
C THR A 106 -25.83 -7.92 -7.84
N GLU A 107 -26.72 -7.28 -8.60
CA GLU A 107 -26.77 -5.82 -8.72
C GLU A 107 -27.93 -5.17 -7.95
N GLU A 108 -28.76 -5.96 -7.26
CA GLU A 108 -29.91 -5.43 -6.54
C GLU A 108 -29.65 -5.32 -5.04
N ALA A 109 -29.99 -4.18 -4.46
CA ALA A 109 -29.71 -3.83 -3.05
C ALA A 109 -30.27 -4.83 -2.07
N GLY A 110 -31.53 -5.18 -2.24
CA GLY A 110 -32.20 -6.22 -1.44
C GLY A 110 -31.44 -7.52 -1.38
N GLU A 111 -31.15 -8.07 -2.57
CA GLU A 111 -30.39 -9.32 -2.71
C GLU A 111 -29.01 -9.25 -2.05
N ARG A 112 -28.37 -8.09 -2.13
CA ARG A 112 -27.09 -7.84 -1.45
C ARG A 112 -27.17 -7.80 0.09
N ALA A 113 -28.27 -7.24 0.62
CA ALA A 113 -28.52 -7.23 2.07
C ALA A 113 -28.79 -8.64 2.62
N ALA A 114 -29.53 -9.44 1.86
CA ALA A 114 -29.80 -10.84 2.20
C ALA A 114 -28.53 -11.67 2.04
N LEU A 115 -27.74 -11.36 1.03
CA LEU A 115 -26.44 -11.99 0.85
C LEU A 115 -25.55 -11.73 2.06
N SER A 116 -25.48 -10.46 2.48
CA SER A 116 -24.72 -10.05 3.69
C SER A 116 -25.13 -10.83 4.94
N GLU A 117 -26.44 -11.00 5.13
CA GLU A 117 -26.94 -11.76 6.27
C GLU A 117 -26.40 -13.19 6.26
N ARG A 118 -26.73 -13.95 5.21
CA ARG A 118 -26.38 -15.37 5.15
C ARG A 118 -24.87 -15.62 5.02
N LEU A 119 -24.15 -14.71 4.39
CA LEU A 119 -22.68 -14.81 4.34
C LEU A 119 -22.04 -14.55 5.69
N PHE A 120 -22.56 -13.59 6.45
CA PHE A 120 -22.04 -13.33 7.80
C PHE A 120 -22.22 -14.54 8.71
N ALA A 121 -23.43 -15.11 8.70
CA ALA A 121 -23.74 -16.29 9.50
C ALA A 121 -22.72 -17.41 9.24
N ASN A 122 -22.60 -17.80 7.98
CA ASN A 122 -21.71 -18.87 7.57
C ASN A 122 -20.26 -18.62 7.99
N LEU A 123 -19.72 -17.46 7.59
CA LEU A 123 -18.34 -17.08 7.88
C LEU A 123 -18.04 -16.93 9.37
N TRP A 124 -19.00 -16.38 10.12
CA TRP A 124 -18.88 -16.25 11.57
C TRP A 124 -18.82 -17.62 12.24
N GLY A 125 -19.54 -18.60 11.68
CA GLY A 125 -19.42 -19.99 12.09
C GLY A 125 -18.03 -20.54 11.85
N ARG A 126 -17.47 -20.24 10.67
CA ARG A 126 -16.12 -20.67 10.32
C ARG A 126 -15.02 -20.15 11.28
N LEU A 127 -15.27 -19.04 11.97
CA LEU A 127 -14.29 -18.40 12.87
C LEU A 127 -14.41 -18.69 14.39
N GLU A 128 -15.44 -19.42 14.82
CA GLU A 128 -15.57 -19.80 16.24
C GLU A 128 -14.42 -20.74 16.61
N GLY A 129 -13.74 -20.44 17.71
CA GLY A 129 -12.54 -21.18 18.10
C GLY A 129 -11.34 -20.93 17.19
N GLU A 130 -11.36 -19.81 16.46
CA GLU A 130 -10.19 -19.32 15.75
C GLU A 130 -9.73 -18.06 16.51
N GLU A 131 -9.48 -18.26 17.81
CA GLU A 131 -9.22 -17.20 18.79
C GLU A 131 -8.42 -15.99 18.28
N ARG A 132 -7.32 -16.26 17.59
CA ARG A 132 -6.39 -15.22 17.15
C ARG A 132 -6.93 -14.40 15.98
N LEU A 133 -7.68 -15.03 15.08
CA LEU A 133 -8.34 -14.33 13.97
C LEU A 133 -9.56 -13.55 14.43
N LEU A 134 -10.31 -14.08 15.39
CA LEU A 134 -11.39 -13.33 16.03
C LEU A 134 -10.83 -12.11 16.72
N TRP A 135 -9.69 -12.29 17.38
CA TRP A 135 -9.00 -11.18 18.02
C TRP A 135 -8.67 -10.10 16.99
N LEU A 136 -8.07 -10.51 15.88
CA LEU A 136 -7.70 -9.58 14.80
C LEU A 136 -8.90 -8.83 14.25
N TYR A 137 -10.02 -9.53 14.06
CA TYR A 137 -11.22 -8.92 13.50
C TYR A 137 -11.80 -7.83 14.40
N ARG A 138 -12.05 -8.17 15.65
CA ARG A 138 -12.63 -7.26 16.63
C ARG A 138 -11.71 -6.15 17.10
N GLU A 139 -10.44 -6.47 17.33
CA GLU A 139 -9.48 -5.52 17.88
C GLU A 139 -8.67 -4.79 16.82
N VAL A 140 -8.69 -5.22 15.56
CA VAL A 140 -7.92 -4.50 14.50
C VAL A 140 -8.78 -4.08 13.31
N GLU A 141 -9.26 -5.05 12.54
CA GLU A 141 -9.87 -4.76 11.23
C GLU A 141 -11.21 -4.02 11.31
N ARG A 142 -12.09 -4.48 12.18
CA ARG A 142 -13.42 -3.87 12.28
C ARG A 142 -13.39 -2.42 12.81
N PRO A 143 -12.70 -2.15 13.92
CA PRO A 143 -12.48 -0.75 14.27
C PRO A 143 -11.72 0.03 13.20
N LEU A 144 -10.75 -0.60 12.53
CA LEU A 144 -10.01 0.04 11.43
C LEU A 144 -10.87 0.44 10.23
N SER A 145 -11.85 -0.38 9.89
CA SER A 145 -12.80 -0.03 8.83
C SER A 145 -13.39 1.37 9.07
N ALA A 146 -13.71 1.67 10.32
CA ALA A 146 -14.19 3.01 10.72
C ALA A 146 -13.15 4.11 10.58
N VAL A 147 -11.92 3.82 10.99
CA VAL A 147 -10.82 4.80 10.90
C VAL A 147 -10.55 5.17 9.44
N LEU A 148 -10.57 4.16 8.56
CA LEU A 148 -10.35 4.39 7.12
C LEU A 148 -11.50 5.14 6.48
N ALA A 149 -12.72 4.83 6.89
CA ALA A 149 -13.89 5.58 6.43
C ALA A 149 -13.74 7.07 6.68
N HIS A 150 -13.26 7.42 7.87
CA HIS A 150 -12.99 8.82 8.20
C HIS A 150 -11.87 9.42 7.39
N MET A 151 -10.82 8.66 7.13
CA MET A 151 -9.69 9.14 6.30
C MET A 151 -10.14 9.43 4.87
N GLU A 152 -10.83 8.46 4.27
CA GLU A 152 -11.37 8.59 2.92
C GLU A 152 -12.27 9.82 2.77
N ALA A 153 -13.21 9.98 3.72
CA ALA A 153 -14.14 11.10 3.71
C ALA A 153 -13.45 12.46 3.84
N THR A 154 -12.37 12.51 4.60
CA THR A 154 -11.64 13.75 4.87
C THR A 154 -10.83 14.19 3.67
N GLY A 155 -10.05 13.25 3.12
CA GLY A 155 -9.17 13.52 2.00
C GLY A 155 -7.97 14.35 2.37
N VAL A 156 -7.20 14.75 1.35
CA VAL A 156 -6.01 15.57 1.52
C VAL A 156 -6.02 16.70 0.50
N ARG A 157 -5.49 17.85 0.91
CA ARG A 157 -5.49 19.05 0.10
C ARG A 157 -4.35 19.02 -0.90
N LEU A 158 -4.62 19.53 -2.10
CA LEU A 158 -3.70 19.46 -3.22
C LEU A 158 -3.56 20.82 -3.91
N ASP A 159 -2.33 21.27 -4.14
CA ASP A 159 -2.08 22.56 -4.81
C ASP A 159 -2.31 22.43 -6.32
N VAL A 160 -3.55 22.71 -6.72
CA VAL A 160 -4.03 22.50 -8.07
C VAL A 160 -3.27 23.37 -9.06
N ALA A 161 -3.41 24.69 -8.89
CA ALA A 161 -2.81 25.68 -9.79
C ALA A 161 -1.30 25.51 -9.95
N TYR A 162 -0.66 25.06 -8.87
CA TYR A 162 0.77 24.72 -8.88
C TYR A 162 1.10 23.60 -9.86
N LEU A 163 0.40 22.47 -9.75
CA LEU A 163 0.59 21.33 -10.66
C LEU A 163 0.26 21.64 -12.13
N ARG A 164 -0.71 22.53 -12.35
CA ARG A 164 -1.09 22.93 -13.70
C ARG A 164 0.02 23.68 -14.38
N ALA A 165 0.67 24.57 -13.62
CA ALA A 165 1.84 25.29 -14.09
C ALA A 165 3.00 24.33 -14.33
N LEU A 166 3.20 23.41 -13.39
CA LEU A 166 4.27 22.43 -13.49
C LEU A 166 4.12 21.55 -14.75
N SER A 167 2.89 21.17 -15.07
CA SER A 167 2.55 20.41 -16.27
C SER A 167 3.08 21.03 -17.56
N LEU A 168 2.97 22.36 -17.67
CA LEU A 168 3.40 23.09 -18.88
C LEU A 168 4.92 23.15 -19.03
N GLU A 169 5.68 23.19 -17.94
CA GLU A 169 7.16 23.18 -18.02
C GLU A 169 7.68 21.79 -18.41
N VAL A 170 7.03 20.76 -17.86
CA VAL A 170 7.39 19.38 -18.13
C VAL A 170 7.14 19.07 -19.61
N ALA A 171 5.96 19.41 -20.11
CA ALA A 171 5.62 19.29 -21.52
C ALA A 171 6.64 19.94 -22.47
N GLU A 172 7.19 21.08 -22.05
CA GLU A 172 8.28 21.73 -22.81
C GLU A 172 9.53 20.86 -22.76
N GLU A 173 9.88 20.38 -21.57
CA GLU A 173 11.08 19.55 -21.39
C GLU A 173 10.95 18.18 -22.07
N ILE A 174 9.75 17.60 -22.03
CA ILE A 174 9.45 16.35 -22.77
C ILE A 174 9.67 16.58 -24.27
N ALA A 175 9.07 17.64 -24.82
CA ALA A 175 9.20 17.97 -26.25
C ALA A 175 10.65 18.06 -26.72
N ARG A 176 11.54 18.58 -25.88
CA ARG A 176 12.97 18.65 -26.17
C ARG A 176 13.61 17.25 -26.28
N LEU A 177 13.25 16.36 -25.36
CA LEU A 177 13.78 15.01 -25.36
C LEU A 177 13.31 14.17 -26.55
N GLU A 178 12.02 14.22 -26.87
CA GLU A 178 11.50 13.47 -28.01
C GLU A 178 12.12 13.99 -29.29
N ALA A 179 12.29 15.32 -29.40
CA ALA A 179 12.96 15.92 -30.55
C ALA A 179 14.44 15.53 -30.65
N GLU A 180 15.11 15.37 -29.51
CA GLU A 180 16.48 14.83 -29.50
C GLU A 180 16.47 13.38 -29.94
N VAL A 181 15.65 12.58 -29.27
CA VAL A 181 15.54 11.15 -29.56
C VAL A 181 15.27 10.88 -31.05
N PHE A 182 14.33 11.59 -31.65
CA PHE A 182 13.97 11.40 -33.07
C PHE A 182 15.10 11.74 -34.02
N ARG A 183 15.87 12.76 -33.66
CA ARG A 183 17.02 13.19 -34.44
C ARG A 183 18.09 12.08 -34.45
N LEU A 184 18.40 11.52 -33.28
CA LEU A 184 19.32 10.37 -33.20
C LEU A 184 18.78 9.12 -33.87
N ALA A 185 17.47 8.90 -33.81
CA ALA A 185 16.82 7.80 -34.53
C ALA A 185 16.89 8.02 -36.03
N GLY A 186 16.85 9.30 -36.44
CA GLY A 186 16.87 9.68 -37.84
C GLY A 186 15.48 9.77 -38.42
N HIS A 187 14.46 9.61 -37.57
CA HIS A 187 13.06 9.66 -38.01
C HIS A 187 12.11 9.68 -36.81
N PRO A 188 10.92 10.27 -36.98
CA PRO A 188 9.92 10.25 -35.91
C PRO A 188 9.23 8.91 -35.79
N PHE A 189 8.93 8.55 -34.54
CA PHE A 189 8.16 7.36 -34.24
C PHE A 189 7.52 7.59 -32.88
N ASN A 190 6.47 6.85 -32.57
CA ASN A 190 5.84 6.94 -31.26
C ASN A 190 6.78 6.38 -30.20
N LEU A 191 7.34 7.28 -29.39
CA LEU A 191 8.30 6.96 -28.35
C LEU A 191 7.64 6.36 -27.07
N ASN A 192 6.33 6.51 -26.95
CA ASN A 192 5.54 5.81 -25.92
C ASN A 192 5.27 4.35 -26.27
N SER A 193 5.40 3.99 -27.55
CA SER A 193 5.21 2.60 -27.99
C SER A 193 6.50 1.83 -27.80
N ARG A 194 6.51 0.95 -26.81
CA ARG A 194 7.69 0.13 -26.52
C ARG A 194 8.04 -0.85 -27.65
N ASP A 195 7.05 -1.31 -28.41
CA ASP A 195 7.30 -2.17 -29.58
C ASP A 195 8.10 -1.43 -30.65
N GLN A 196 7.67 -0.21 -30.96
CA GLN A 196 8.40 0.64 -31.93
C GLN A 196 9.80 0.93 -31.44
N LEU A 197 9.94 1.21 -30.14
CA LEU A 197 11.24 1.49 -29.53
C LEU A 197 12.21 0.30 -29.60
N GLU A 198 11.67 -0.91 -29.44
CA GLU A 198 12.46 -2.14 -29.54
C GLU A 198 13.15 -2.20 -30.90
N ARG A 199 12.36 -2.03 -31.96
CA ARG A 199 12.88 -2.02 -33.33
C ARG A 199 13.96 -0.96 -33.53
N VAL A 200 13.69 0.24 -33.05
CA VAL A 200 14.64 1.33 -33.22
C VAL A 200 15.97 0.99 -32.54
N LEU A 201 15.91 0.56 -31.30
CA LEU A 201 17.13 0.25 -30.55
C LEU A 201 17.90 -0.93 -31.13
N PHE A 202 17.20 -2.04 -31.34
CA PHE A 202 17.84 -3.33 -31.58
C PHE A 202 17.96 -3.72 -33.06
N ASP A 203 16.97 -3.37 -33.88
CA ASP A 203 17.06 -3.61 -35.33
C ASP A 203 17.77 -2.46 -36.04
N GLU A 204 17.26 -1.24 -35.90
CA GLU A 204 17.80 -0.09 -36.66
C GLU A 204 19.15 0.41 -36.19
N LEU A 205 19.40 0.38 -34.89
CA LEU A 205 20.75 0.53 -34.36
C LEU A 205 21.21 -0.85 -33.95
N GLY A 206 22.50 -1.02 -33.71
CA GLY A 206 23.06 -2.35 -33.48
C GLY A 206 23.21 -2.72 -32.03
N LEU A 207 22.21 -2.37 -31.22
CA LEU A 207 22.33 -2.52 -29.77
C LEU A 207 22.08 -3.97 -29.35
N PRO A 208 22.86 -4.47 -28.38
CA PRO A 208 22.67 -5.85 -27.93
C PRO A 208 21.45 -5.94 -27.01
N ALA A 209 20.57 -6.90 -27.30
CA ALA A 209 19.36 -7.12 -26.50
C ALA A 209 19.71 -7.92 -25.25
N ILE A 210 19.62 -7.27 -24.09
CA ILE A 210 20.03 -7.88 -22.83
C ILE A 210 19.01 -8.97 -22.43
N GLY A 211 17.75 -8.58 -22.23
CA GLY A 211 16.70 -9.53 -21.83
C GLY A 211 15.49 -9.61 -22.74
N LYS A 212 14.67 -10.64 -22.49
CA LYS A 212 13.36 -10.80 -23.12
C LYS A 212 12.22 -10.56 -22.11
N THR A 213 11.02 -10.30 -22.62
CA THR A 213 9.84 -10.05 -21.80
C THR A 213 9.13 -11.37 -21.51
N GLU A 214 8.50 -11.45 -20.34
CA GLU A 214 8.00 -12.72 -19.79
C GLU A 214 6.99 -13.43 -20.68
N LYS A 215 5.85 -12.78 -20.94
CA LYS A 215 4.73 -13.44 -21.62
C LYS A 215 4.98 -13.68 -23.10
N THR A 216 5.37 -12.64 -23.83
CA THR A 216 5.45 -12.69 -25.30
C THR A 216 6.86 -12.82 -25.89
N GLY A 217 7.90 -12.79 -25.06
CA GLY A 217 9.27 -12.99 -25.53
C GLY A 217 9.87 -11.89 -26.38
N LYS A 218 9.32 -10.69 -26.31
CA LYS A 218 9.90 -9.53 -26.99
C LYS A 218 11.19 -9.12 -26.29
N ARG A 219 12.09 -8.45 -27.01
CA ARG A 219 13.30 -7.89 -26.41
C ARG A 219 12.93 -6.71 -25.50
N SER A 220 13.34 -6.79 -24.24
CA SER A 220 12.93 -5.83 -23.23
C SER A 220 13.63 -4.46 -23.38
N THR A 221 12.85 -3.40 -23.19
CA THR A 221 13.30 -2.01 -23.11
C THR A 221 13.12 -1.46 -21.69
N SER A 222 13.24 -2.33 -20.68
CA SER A 222 13.07 -1.92 -19.29
C SER A 222 14.24 -1.05 -18.90
N ALA A 223 13.99 -0.15 -17.95
CA ALA A 223 15.01 0.73 -17.41
C ALA A 223 16.28 -0.01 -17.04
N ALA A 224 16.12 -1.19 -16.43
CA ALA A 224 17.23 -2.06 -16.06
C ALA A 224 18.10 -2.39 -17.26
N VAL A 225 17.47 -2.86 -18.33
CA VAL A 225 18.15 -3.14 -19.60
C VAL A 225 18.81 -1.88 -20.13
N LEU A 226 18.09 -0.77 -20.11
CA LEU A 226 18.58 0.50 -20.67
C LEU A 226 19.75 1.08 -19.88
N GLU A 227 19.71 0.96 -18.55
CA GLU A 227 20.86 1.35 -17.71
C GLU A 227 22.11 0.56 -18.11
N ALA A 228 21.96 -0.74 -18.32
CA ALA A 228 23.05 -1.58 -18.79
C ALA A 228 23.60 -1.16 -20.16
N LEU A 229 22.75 -0.50 -20.97
CA LEU A 229 23.13 0.11 -22.26
C LEU A 229 23.43 1.64 -22.23
N ARG A 230 23.65 2.23 -21.06
CA ARG A 230 23.91 3.69 -20.95
C ARG A 230 25.06 4.21 -21.85
N GLU A 231 26.13 3.43 -21.98
CA GLU A 231 27.33 3.82 -22.72
C GLU A 231 27.29 3.39 -24.20
N ALA A 232 26.47 2.39 -24.51
CA ALA A 232 26.30 1.90 -25.89
C ALA A 232 25.90 3.00 -26.87
N HIS A 233 25.08 3.95 -26.43
CA HIS A 233 24.56 4.99 -27.31
C HIS A 233 24.06 6.21 -26.51
N PRO A 234 24.15 7.44 -27.08
CA PRO A 234 23.64 8.61 -26.36
C PRO A 234 22.12 8.60 -26.15
N ILE A 235 21.38 8.26 -27.22
CA ILE A 235 19.91 8.12 -27.20
C ILE A 235 19.30 7.41 -25.98
N VAL A 236 20.05 6.48 -25.39
CA VAL A 236 19.61 5.75 -24.20
C VAL A 236 19.33 6.71 -23.06
N GLU A 237 20.29 7.57 -22.75
CA GLU A 237 20.15 8.59 -21.72
C GLU A 237 18.86 9.40 -21.88
N LYS A 238 18.57 9.79 -23.12
CA LYS A 238 17.39 10.59 -23.43
C LYS A 238 16.11 9.80 -23.17
N ILE A 239 16.12 8.53 -23.61
CA ILE A 239 15.00 7.61 -23.39
C ILE A 239 14.66 7.50 -21.91
N LEU A 240 15.69 7.23 -21.09
CA LEU A 240 15.54 7.15 -19.63
C LEU A 240 14.94 8.41 -18.99
N GLN A 241 15.39 9.57 -19.48
CA GLN A 241 14.86 10.86 -19.04
C GLN A 241 13.43 11.07 -19.50
N TYR A 242 13.18 10.78 -20.78
CA TYR A 242 11.82 10.82 -21.35
C TYR A 242 10.87 9.89 -20.57
N ARG A 243 11.36 8.73 -20.18
CA ARG A 243 10.58 7.76 -19.41
C ARG A 243 10.20 8.26 -18.04
N GLU A 244 11.16 8.87 -17.34
CA GLU A 244 10.89 9.50 -16.05
C GLU A 244 9.79 10.56 -16.17
N LEU A 245 9.96 11.47 -17.13
CA LEU A 245 9.10 12.64 -17.24
C LEU A 245 7.65 12.34 -17.67
N THR A 246 7.48 11.45 -18.65
CA THR A 246 6.16 11.05 -19.11
C THR A 246 5.42 10.18 -18.09
N LYS A 247 6.15 9.30 -17.42
CA LYS A 247 5.59 8.51 -16.33
C LYS A 247 4.92 9.43 -15.32
N LEU A 248 5.68 10.40 -14.81
CA LEU A 248 5.22 11.30 -13.78
C LEU A 248 4.14 12.25 -14.29
N LYS A 249 4.25 12.68 -15.53
CA LYS A 249 3.26 13.57 -16.13
C LYS A 249 1.91 12.87 -16.33
N SER A 250 1.95 11.71 -16.95
CA SER A 250 0.71 10.97 -17.28
C SER A 250 0.06 10.31 -16.04
N THR A 251 0.86 9.97 -15.03
CA THR A 251 0.33 9.29 -13.84
C THR A 251 -0.07 10.23 -12.68
N TYR A 252 0.65 11.34 -12.49
CA TYR A 252 0.41 12.21 -11.33
C TYR A 252 0.04 13.64 -11.71
N ILE A 253 0.93 14.34 -12.42
CA ILE A 253 0.73 15.76 -12.71
C ILE A 253 -0.62 16.07 -13.37
N ASP A 254 -1.01 15.26 -14.36
CA ASP A 254 -2.25 15.53 -15.12
C ASP A 254 -3.56 14.98 -14.54
N PRO A 255 -3.57 13.73 -14.02
CA PRO A 255 -4.81 13.21 -13.45
C PRO A 255 -5.27 13.87 -12.15
N LEU A 256 -4.35 14.08 -11.22
CA LEU A 256 -4.68 14.51 -9.87
C LEU A 256 -5.47 15.81 -9.78
N PRO A 257 -5.04 16.88 -10.47
CA PRO A 257 -5.81 18.13 -10.47
C PRO A 257 -7.28 17.96 -10.82
N ASP A 258 -7.55 17.08 -11.78
CA ASP A 258 -8.92 16.78 -12.23
C ASP A 258 -9.70 15.83 -11.32
N LEU A 259 -9.10 15.37 -10.23
CA LEU A 259 -9.75 14.49 -9.25
C LEU A 259 -10.13 15.18 -7.94
N ILE A 260 -10.13 16.50 -7.92
CA ILE A 260 -10.51 17.24 -6.72
C ILE A 260 -12.02 17.21 -6.61
N HIS A 261 -12.52 16.80 -5.45
CA HIS A 261 -13.96 16.77 -5.21
C HIS A 261 -14.45 18.20 -5.02
N PRO A 262 -15.61 18.56 -5.62
CA PRO A 262 -16.14 19.94 -5.58
C PRO A 262 -16.64 20.45 -4.21
N ARG A 263 -17.34 19.61 -3.45
CA ARG A 263 -17.74 19.94 -2.07
C ARG A 263 -16.55 20.20 -1.15
N THR A 264 -15.55 19.32 -1.19
CA THR A 264 -14.43 19.37 -0.25
C THR A 264 -13.22 20.16 -0.75
N GLY A 265 -13.08 20.30 -2.07
CA GLY A 265 -11.85 20.84 -2.65
C GLY A 265 -10.62 20.01 -2.28
N ARG A 266 -10.81 18.70 -2.11
CA ARG A 266 -9.76 17.81 -1.62
C ARG A 266 -9.71 16.49 -2.40
N LEU A 267 -8.64 15.75 -2.15
CA LEU A 267 -8.33 14.53 -2.87
C LEU A 267 -8.62 13.32 -1.99
N HIS A 268 -9.49 12.43 -2.44
CA HIS A 268 -9.98 11.30 -1.64
C HIS A 268 -9.64 9.95 -2.25
N THR A 269 -8.61 9.31 -1.69
CA THR A 269 -8.30 7.92 -2.02
C THR A 269 -9.32 6.97 -1.42
N ARG A 270 -9.26 5.72 -1.86
CA ARG A 270 -9.96 4.63 -1.22
C ARG A 270 -8.91 3.72 -0.60
N PHE A 271 -9.14 3.26 0.63
CA PHE A 271 -8.20 2.40 1.29
C PHE A 271 -8.75 1.01 1.35
N ASN A 272 -8.24 0.16 0.48
CA ASN A 272 -8.79 -1.16 0.28
C ASN A 272 -8.28 -2.06 1.39
N GLN A 273 -9.22 -2.63 2.13
CA GLN A 273 -8.90 -3.35 3.36
C GLN A 273 -8.60 -4.81 3.12
N THR A 274 -9.29 -5.39 2.12
CA THR A 274 -9.17 -6.80 1.76
C THR A 274 -8.52 -7.01 0.38
N ALA A 275 -7.39 -6.35 0.14
CA ALA A 275 -6.76 -6.32 -1.20
C ALA A 275 -5.42 -7.05 -1.35
N THR A 276 -4.71 -7.36 -0.26
CA THR A 276 -3.35 -7.90 -0.35
C THR A 276 -3.18 -9.27 0.31
N ALA A 277 -2.15 -9.99 -0.13
CA ALA A 277 -1.82 -11.32 0.37
C ALA A 277 -1.19 -11.29 1.76
N THR A 278 -0.56 -10.17 2.12
CA THR A 278 0.18 -10.04 3.38
C THR A 278 -0.62 -9.45 4.54
N GLY A 279 -1.72 -8.77 4.24
CA GLY A 279 -2.43 -8.02 5.26
C GLY A 279 -2.15 -6.53 5.23
N ARG A 280 -1.28 -6.08 4.33
CA ARG A 280 -1.19 -4.65 4.02
C ARG A 280 -2.48 -4.10 3.46
N LEU A 281 -2.63 -2.79 3.58
CA LEU A 281 -3.66 -2.07 2.84
C LEU A 281 -3.18 -1.79 1.43
N SER A 282 -4.11 -1.38 0.58
CA SER A 282 -3.80 -0.79 -0.72
C SER A 282 -4.64 0.47 -0.88
N SER A 283 -4.17 1.37 -1.74
CA SER A 283 -4.84 2.63 -1.96
C SER A 283 -5.12 2.74 -3.45
N SER A 284 -6.30 3.23 -3.82
CA SER A 284 -6.69 3.29 -5.23
C SER A 284 -7.72 4.35 -5.55
N ASP A 285 -7.77 4.65 -6.84
CA ASP A 285 -8.79 5.48 -7.48
C ASP A 285 -8.71 6.97 -7.22
N PRO A 286 -7.76 7.37 -6.37
CA PRO A 286 -6.39 7.62 -6.81
C PRO A 286 -5.47 6.88 -5.83
N ASN A 287 -4.40 6.27 -6.31
CA ASN A 287 -3.45 5.64 -5.42
C ASN A 287 -2.54 6.74 -4.90
N LEU A 288 -2.59 6.96 -3.59
CA LEU A 288 -1.74 7.94 -2.92
C LEU A 288 -0.61 7.28 -2.11
N GLN A 289 -0.52 5.96 -2.14
CA GLN A 289 0.62 5.25 -1.54
C GLN A 289 1.80 5.10 -2.48
N ASN A 290 1.75 5.73 -3.66
CA ASN A 290 2.84 5.66 -4.64
C ASN A 290 3.18 7.01 -5.26
N ILE A 291 2.99 8.05 -4.48
CA ILE A 291 3.30 9.38 -4.93
C ILE A 291 4.79 9.50 -4.97
N PRO A 292 5.32 10.14 -5.99
CA PRO A 292 6.75 10.27 -6.16
C PRO A 292 7.50 10.99 -5.07
N VAL A 293 8.79 10.71 -4.94
CA VAL A 293 9.64 11.34 -3.96
C VAL A 293 11.11 11.39 -4.33
N ARG A 294 11.60 10.31 -4.91
CA ARG A 294 12.97 10.10 -5.34
C ARG A 294 13.69 11.16 -6.17
N THR A 295 13.18 11.39 -7.35
CA THR A 295 13.76 12.31 -8.28
C THR A 295 13.33 13.71 -8.02
N PRO A 296 14.11 14.66 -8.44
CA PRO A 296 13.79 16.07 -8.20
C PRO A 296 12.39 16.49 -8.67
N LEU A 297 11.97 16.00 -9.83
CA LEU A 297 10.61 16.26 -10.33
C LEU A 297 9.57 15.53 -9.49
N GLY A 298 9.91 14.34 -9.01
CA GLY A 298 9.06 13.61 -8.07
C GLY A 298 8.80 14.38 -6.79
N GLN A 299 9.85 15.04 -6.30
CA GLN A 299 9.77 15.85 -5.10
C GLN A 299 8.89 17.07 -5.33
N ARG A 300 9.08 17.72 -6.48
CA ARG A 300 8.25 18.87 -6.84
C ARG A 300 6.78 18.47 -6.91
N ILE A 301 6.51 17.24 -7.35
CA ILE A 301 5.15 16.66 -7.28
C ILE A 301 4.67 16.47 -5.83
N ARG A 302 5.51 15.86 -5.00
CA ARG A 302 5.13 15.57 -3.62
C ARG A 302 4.77 16.82 -2.82
N ARG A 303 5.47 17.92 -3.07
CA ARG A 303 5.21 19.16 -2.34
C ARG A 303 3.86 19.79 -2.68
N ALA A 304 3.20 19.31 -3.74
CA ALA A 304 1.83 19.73 -4.06
C ALA A 304 0.79 19.23 -3.04
N PHE A 305 1.15 18.27 -2.19
CA PHE A 305 0.29 17.80 -1.12
C PHE A 305 0.58 18.65 0.11
N ILE A 306 -0.43 19.42 0.52
CA ILE A 306 -0.26 20.51 1.49
C ILE A 306 -1.34 20.47 2.56
N ALA A 307 -1.11 21.22 3.64
CA ALA A 307 -2.10 21.36 4.72
C ALA A 307 -3.16 22.40 4.38
N GLU A 308 -4.34 22.19 4.94
CA GLU A 308 -5.33 23.25 5.16
C GLU A 308 -4.64 24.52 5.67
N GLU A 309 -5.17 25.68 5.29
CA GLU A 309 -4.61 26.96 5.74
C GLU A 309 -4.83 27.08 7.27
N GLY A 310 -3.75 27.39 7.98
CA GLY A 310 -3.75 27.37 9.45
C GLY A 310 -3.24 26.07 10.05
N TRP A 311 -3.25 24.99 9.28
CA TRP A 311 -2.78 23.67 9.75
C TRP A 311 -1.43 23.30 9.13
N LEU A 312 -0.86 22.23 9.67
CA LEU A 312 0.37 21.63 9.18
C LEU A 312 0.22 20.13 8.97
N LEU A 313 1.06 19.57 8.11
CA LEU A 313 1.11 18.13 7.91
C LEU A 313 2.15 17.55 8.86
N VAL A 314 1.87 16.33 9.33
CA VAL A 314 2.75 15.64 10.25
C VAL A 314 2.94 14.23 9.72
N ALA A 315 4.16 13.93 9.28
CA ALA A 315 4.48 12.65 8.68
C ALA A 315 5.30 11.82 9.65
N LEU A 316 4.83 10.62 9.98
CA LEU A 316 5.52 9.70 10.89
C LEU A 316 5.80 8.38 10.18
N ASP A 317 7.08 8.00 10.10
CA ASP A 317 7.51 6.79 9.39
C ASP A 317 8.32 5.91 10.32
N TYR A 318 7.92 4.64 10.46
CA TYR A 318 8.67 3.69 11.26
C TYR A 318 10.06 3.45 10.71
N SER A 319 11.04 3.44 11.59
CA SER A 319 12.42 3.24 11.20
C SER A 319 12.70 1.76 10.90
N GLN A 320 13.30 1.48 9.74
CA GLN A 320 13.84 0.16 9.41
C GLN A 320 12.87 -0.95 9.77
N ILE A 321 11.60 -0.74 9.44
CA ILE A 321 10.53 -1.47 10.10
C ILE A 321 10.65 -2.99 9.97
N GLU A 322 10.73 -3.52 8.76
CA GLU A 322 10.68 -4.98 8.57
C GLU A 322 11.93 -5.70 9.09
N LEU A 323 13.06 -4.99 9.14
CA LEU A 323 14.25 -5.50 9.81
C LEU A 323 14.03 -5.68 11.30
N ARG A 324 13.47 -4.66 11.96
CA ARG A 324 13.15 -4.71 13.39
C ARG A 324 12.19 -5.87 13.70
N VAL A 325 11.15 -6.00 12.88
CA VAL A 325 10.16 -7.07 13.05
C VAL A 325 10.83 -8.43 12.92
N LEU A 326 11.69 -8.55 11.92
CA LEU A 326 12.42 -9.79 11.67
C LEU A 326 13.21 -10.22 12.90
N ALA A 327 13.93 -9.26 13.48
CA ALA A 327 14.74 -9.49 14.69
C ALA A 327 13.92 -10.03 15.85
N HIS A 328 12.67 -9.59 15.96
CA HIS A 328 11.74 -10.14 16.93
C HIS A 328 11.35 -11.57 16.57
N LEU A 329 10.88 -11.77 15.34
CA LEU A 329 10.41 -13.10 14.88
C LEU A 329 11.50 -14.18 14.94
N SER A 330 12.74 -13.78 14.61
CA SER A 330 13.90 -14.69 14.62
C SER A 330 14.54 -14.82 16.00
N GLY A 331 14.64 -13.70 16.70
CA GLY A 331 15.38 -13.61 17.95
C GLY A 331 16.87 -13.56 17.73
N ASP A 332 17.31 -13.05 16.58
CA ASP A 332 18.74 -12.99 16.26
C ASP A 332 19.42 -11.99 17.18
N GLU A 333 19.93 -12.52 18.29
CA GLU A 333 20.75 -11.79 19.24
C GLU A 333 21.64 -10.73 18.57
N ASN A 334 22.33 -11.13 17.50
CA ASN A 334 23.24 -10.22 16.82
C ASN A 334 22.50 -9.08 16.13
N LEU A 335 21.31 -9.37 15.59
CA LEU A 335 20.49 -8.36 14.93
C LEU A 335 19.76 -7.47 15.91
N ILE A 336 19.29 -8.04 17.02
CA ILE A 336 18.68 -7.27 18.10
C ILE A 336 19.67 -6.21 18.59
N ARG A 337 20.88 -6.67 18.90
CA ARG A 337 21.99 -5.83 19.34
C ARG A 337 22.24 -4.59 18.45
N VAL A 338 21.97 -4.73 17.16
CA VAL A 338 22.10 -3.62 16.20
C VAL A 338 21.10 -2.50 16.52
N PHE A 339 19.86 -2.90 16.80
CA PHE A 339 18.79 -1.97 17.13
C PHE A 339 18.81 -1.50 18.60
N GLN A 340 19.26 -2.38 19.50
CA GLN A 340 19.55 -1.98 20.89
C GLN A 340 20.69 -0.94 20.96
N GLU A 341 21.61 -0.99 19.99
CA GLU A 341 22.66 0.04 19.80
C GLU A 341 22.24 1.23 18.92
N GLY A 342 21.01 1.22 18.40
CA GLY A 342 20.50 2.32 17.58
C GLY A 342 21.29 2.56 16.30
N ARG A 343 21.65 1.49 15.60
CA ARG A 343 22.41 1.57 14.34
C ARG A 343 21.49 1.48 13.13
N ASP A 344 21.81 2.24 12.08
CA ASP A 344 21.03 2.24 10.83
C ASP A 344 21.71 1.40 9.76
N ILE A 345 21.05 0.30 9.40
CA ILE A 345 21.55 -0.65 8.40
C ILE A 345 21.50 -0.05 6.99
N HIS A 346 20.43 0.69 6.69
CA HIS A 346 20.31 1.36 5.39
C HIS A 346 21.41 2.39 5.18
N THR A 347 21.82 3.08 6.25
CA THR A 347 22.91 4.06 6.17
C THR A 347 24.27 3.38 6.09
N GLU A 348 24.44 2.27 6.82
CA GLU A 348 25.70 1.53 6.82
C GLU A 348 26.02 0.95 5.45
N THR A 349 25.02 0.30 4.85
CA THR A 349 25.10 -0.21 3.49
C THR A 349 25.35 0.92 2.47
N ALA A 350 24.66 2.05 2.62
CA ALA A 350 24.82 3.20 1.73
C ALA A 350 26.23 3.79 1.76
N SER A 351 26.69 4.09 2.97
CA SER A 351 28.05 4.57 3.23
C SER A 351 29.12 3.63 2.66
N TRP A 352 28.87 2.33 2.82
CA TRP A 352 29.76 1.28 2.30
C TRP A 352 29.70 1.20 0.76
N MET A 353 28.49 1.13 0.21
CA MET A 353 28.22 1.03 -1.23
C MET A 353 28.96 2.07 -2.03
N PHE A 354 28.64 3.33 -1.76
CA PHE A 354 29.19 4.49 -2.48
C PHE A 354 30.54 4.91 -1.92
N GLY A 355 30.95 4.33 -0.79
CA GLY A 355 32.28 4.54 -0.22
C GLY A 355 32.45 5.93 0.34
N VAL A 356 31.51 6.32 1.21
CA VAL A 356 31.41 7.68 1.74
C VAL A 356 31.10 7.68 3.24
N PRO A 357 31.39 8.81 3.95
CA PRO A 357 30.99 8.89 5.37
C PRO A 357 29.48 8.85 5.54
N ARG A 358 28.99 8.23 6.62
CA ARG A 358 27.54 8.14 6.87
C ARG A 358 26.82 9.50 6.80
N GLU A 359 27.49 10.56 7.27
CA GLU A 359 26.97 11.94 7.19
C GLU A 359 26.77 12.47 5.76
N ALA A 360 27.46 11.86 4.79
CA ALA A 360 27.32 12.21 3.37
C ALA A 360 26.18 11.48 2.66
N VAL A 361 25.64 10.42 3.27
CA VAL A 361 24.56 9.63 2.65
C VAL A 361 23.34 10.52 2.44
N ASP A 362 22.79 10.47 1.22
CA ASP A 362 21.64 11.26 0.85
C ASP A 362 20.44 10.31 0.73
N PRO A 363 19.24 10.84 0.46
CA PRO A 363 18.04 9.96 0.36
C PRO A 363 18.10 9.00 -0.83
N LEU A 364 18.59 9.50 -1.96
CA LEU A 364 18.78 8.71 -3.19
C LEU A 364 19.59 7.43 -2.94
N MET A 365 20.69 7.58 -2.19
CA MET A 365 21.60 6.47 -1.88
C MET A 365 20.97 5.51 -0.89
N ARG A 366 20.34 6.09 0.12
CA ARG A 366 19.62 5.34 1.14
C ARG A 366 18.55 4.44 0.50
N ARG A 367 17.82 4.98 -0.48
CA ARG A 367 16.79 4.20 -1.19
C ARG A 367 17.42 3.01 -1.91
N ALA A 368 18.48 3.27 -2.67
CA ALA A 368 19.27 2.21 -3.30
C ALA A 368 19.73 1.16 -2.29
N ALA A 369 20.18 1.62 -1.12
CA ALA A 369 20.63 0.74 -0.04
C ALA A 369 19.53 -0.21 0.47
N LYS A 370 18.28 0.26 0.50
CA LYS A 370 17.15 -0.57 0.96
C LYS A 370 16.94 -1.77 0.04
N THR A 371 16.93 -1.50 -1.27
CA THR A 371 16.84 -2.55 -2.30
C THR A 371 17.88 -3.65 -2.08
N ILE A 372 19.11 -3.25 -1.78
CA ILE A 372 20.19 -4.19 -1.51
C ILE A 372 19.80 -5.05 -0.31
N ASN A 373 19.43 -4.41 0.81
CA ASN A 373 19.22 -5.11 2.08
C ASN A 373 17.96 -5.97 2.16
N PHE A 374 16.84 -5.48 1.65
CA PHE A 374 15.61 -6.30 1.59
C PHE A 374 15.71 -7.37 0.50
N GLY A 375 16.23 -6.98 -0.66
CA GLY A 375 16.56 -7.90 -1.74
C GLY A 375 17.29 -9.14 -1.28
N VAL A 376 18.44 -8.96 -0.65
CA VAL A 376 19.21 -10.10 -0.16
C VAL A 376 18.31 -10.94 0.73
N LEU A 377 17.76 -10.31 1.77
CA LEU A 377 16.98 -10.99 2.79
C LEU A 377 15.90 -11.89 2.22
N TYR A 378 15.13 -11.33 1.28
CA TYR A 378 13.99 -12.03 0.70
C TYR A 378 14.32 -12.96 -0.47
N GLY A 379 15.59 -12.99 -0.89
CA GLY A 379 16.13 -14.04 -1.76
C GLY A 379 16.63 -13.64 -3.14
N MET A 380 17.09 -12.39 -3.27
CA MET A 380 17.70 -11.89 -4.50
C MET A 380 18.90 -12.77 -4.89
N SER A 381 19.18 -12.84 -6.19
CA SER A 381 20.30 -13.64 -6.73
C SER A 381 21.60 -12.85 -6.79
N ALA A 382 22.71 -13.58 -6.67
CA ALA A 382 24.05 -13.02 -6.82
C ALA A 382 24.23 -12.31 -8.17
N HIS A 383 23.74 -12.94 -9.24
CA HIS A 383 23.68 -12.34 -10.58
C HIS A 383 23.14 -10.89 -10.56
N ARG A 384 21.92 -10.74 -10.05
CA ARG A 384 21.27 -9.43 -10.00
C ARG A 384 22.04 -8.46 -9.10
N LEU A 385 22.31 -8.89 -7.88
CA LEU A 385 23.04 -8.07 -6.90
C LEU A 385 24.27 -7.40 -7.50
N SER A 386 25.03 -8.19 -8.25
CA SER A 386 26.22 -7.72 -8.96
C SER A 386 25.95 -6.48 -9.77
N GLN A 387 24.87 -6.52 -10.54
CA GLN A 387 24.46 -5.40 -11.38
C GLN A 387 23.87 -4.25 -10.57
N GLU A 388 23.13 -4.59 -9.51
CA GLU A 388 22.58 -3.57 -8.59
C GLU A 388 23.71 -2.80 -7.90
N LEU A 389 24.69 -3.53 -7.36
CA LEU A 389 25.89 -2.91 -6.79
C LEU A 389 26.81 -2.33 -7.89
N ALA A 390 26.69 -2.87 -9.12
CA ALA A 390 27.59 -2.58 -10.24
C ALA A 390 29.03 -3.00 -9.91
N ILE A 391 29.16 -4.22 -9.37
CA ILE A 391 30.46 -4.81 -9.01
C ILE A 391 30.43 -6.32 -9.30
N PRO A 392 31.60 -6.94 -9.49
CA PRO A 392 31.70 -8.36 -9.85
C PRO A 392 30.80 -9.37 -9.12
N TYR A 393 30.38 -10.40 -9.85
CA TYR A 393 29.73 -11.60 -9.28
C TYR A 393 30.59 -12.25 -8.20
N GLU A 394 31.92 -12.18 -8.34
CA GLU A 394 32.86 -12.60 -7.27
C GLU A 394 32.51 -11.90 -5.94
N GLU A 395 32.54 -10.57 -5.99
CA GLU A 395 32.35 -9.72 -4.81
C GLU A 395 30.91 -9.64 -4.30
N ALA A 396 29.96 -9.58 -5.23
CA ALA A 396 28.51 -9.59 -4.88
C ALA A 396 28.04 -10.92 -4.29
N GLN A 397 28.64 -12.03 -4.71
CA GLN A 397 28.47 -13.34 -4.04
C GLN A 397 28.82 -13.23 -2.56
N ALA A 398 30.05 -12.77 -2.30
CA ALA A 398 30.60 -12.59 -0.94
C ALA A 398 29.70 -11.79 0.02
N PHE A 399 28.88 -10.90 -0.55
CA PHE A 399 27.93 -10.10 0.21
C PHE A 399 26.78 -10.90 0.82
N ILE A 400 26.13 -11.78 0.04
CA ILE A 400 25.08 -12.69 0.55
C ILE A 400 25.65 -13.67 1.59
N GLU A 401 26.94 -13.99 1.50
CA GLU A 401 27.58 -14.85 2.51
C GLU A 401 27.75 -14.06 3.81
N ARG A 402 28.33 -12.85 3.72
CA ARG A 402 28.69 -12.02 4.89
C ARG A 402 27.48 -11.38 5.60
N TYR A 403 26.54 -10.86 4.82
CA TYR A 403 25.28 -10.33 5.33
C TYR A 403 24.56 -11.39 6.16
N PHE A 404 24.37 -12.58 5.58
CA PHE A 404 23.75 -13.72 6.26
C PHE A 404 24.58 -14.27 7.42
N GLN A 405 25.90 -14.25 7.27
CA GLN A 405 26.82 -14.70 8.31
C GLN A 405 26.70 -13.85 9.58
N SER A 406 26.60 -12.56 9.42
CA SER A 406 26.40 -11.75 10.57
C SER A 406 25.20 -12.32 11.30
N PHE A 407 24.02 -12.19 10.70
CA PHE A 407 22.79 -12.59 11.36
C PHE A 407 22.16 -13.95 11.16
N PRO A 408 22.70 -14.97 11.91
CA PRO A 408 22.03 -16.27 11.72
C PRO A 408 20.58 -16.35 12.17
N LYS A 409 20.32 -17.34 13.00
CA LYS A 409 18.96 -17.54 13.53
C LYS A 409 17.78 -17.14 12.64
N VAL A 410 18.01 -16.32 11.63
CA VAL A 410 16.99 -15.95 10.67
C VAL A 410 16.76 -17.19 9.79
N ARG A 411 17.82 -17.54 9.05
CA ARG A 411 17.76 -18.70 8.18
C ARG A 411 17.19 -19.80 9.00
N ALA A 412 17.60 -19.89 10.22
CA ALA A 412 16.85 -20.88 11.02
C ALA A 412 15.35 -20.56 11.04
N TRP A 413 15.03 -19.28 11.22
CA TRP A 413 13.64 -18.85 11.17
C TRP A 413 13.01 -19.08 9.79
N ILE A 414 13.76 -18.83 8.72
CA ILE A 414 13.24 -19.07 7.36
C ILE A 414 12.87 -20.54 7.19
N GLU A 415 13.82 -21.44 7.47
CA GLU A 415 13.63 -22.89 7.32
C GLU A 415 12.42 -23.39 8.10
N LYS A 416 12.32 -22.90 9.32
CA LYS A 416 11.22 -23.31 10.20
C LYS A 416 9.89 -22.92 9.60
N THR A 417 9.77 -21.65 9.20
CA THR A 417 8.51 -21.12 8.66
C THR A 417 8.07 -21.90 7.41
N LEU A 418 9.03 -22.19 6.54
CA LEU A 418 8.76 -22.96 5.33
C LEU A 418 8.33 -24.40 5.66
N GLU A 419 8.98 -25.03 6.62
CA GLU A 419 8.56 -26.35 7.08
C GLU A 419 7.15 -26.33 7.69
N GLU A 420 6.84 -25.30 8.48
CA GLU A 420 5.49 -25.14 9.06
C GLU A 420 4.47 -24.92 7.95
N GLY A 421 4.84 -24.10 6.97
CA GLY A 421 4.01 -23.84 5.80
C GLY A 421 3.79 -25.04 4.90
N ARG A 422 4.81 -25.86 4.73
CA ARG A 422 4.64 -27.16 4.06
C ARG A 422 3.61 -28.01 4.81
N ARG A 423 3.77 -28.08 6.13
CA ARG A 423 2.96 -28.97 6.98
C ARG A 423 1.49 -28.53 7.12
N ARG A 424 1.26 -27.24 7.35
CA ARG A 424 -0.11 -26.73 7.56
C ARG A 424 -0.70 -26.01 6.34
N GLY A 425 0.10 -25.79 5.30
CA GLY A 425 -0.38 -25.11 4.08
C GLY A 425 -0.39 -23.58 4.12
N TYR A 426 -0.13 -23.00 5.29
CA TYR A 426 -0.09 -21.54 5.45
C TYR A 426 1.02 -21.09 6.39
N VAL A 427 1.29 -19.80 6.30
CA VAL A 427 2.24 -19.13 7.17
C VAL A 427 1.47 -18.01 7.85
N GLU A 428 2.05 -17.43 8.91
CA GLU A 428 1.31 -16.46 9.71
C GLU A 428 2.16 -15.37 10.32
N THR A 429 1.51 -14.27 10.67
CA THR A 429 2.15 -13.11 11.30
C THR A 429 2.27 -13.37 12.79
N LEU A 430 2.91 -12.44 13.49
CA LEU A 430 3.00 -12.49 14.95
C LEU A 430 1.63 -12.59 15.64
N PHE A 431 0.59 -12.03 15.02
CA PHE A 431 -0.77 -12.10 15.53
C PHE A 431 -1.64 -13.19 14.89
N GLY A 432 -1.04 -14.08 14.11
CA GLY A 432 -1.76 -15.19 13.52
C GLY A 432 -2.62 -14.87 12.31
N ARG A 433 -2.33 -13.77 11.61
CA ARG A 433 -2.88 -13.55 10.26
C ARG A 433 -2.23 -14.62 9.38
N ARG A 434 -3.02 -15.25 8.51
CA ARG A 434 -2.55 -16.35 7.66
C ARG A 434 -2.47 -16.00 6.18
N ARG A 435 -1.53 -16.63 5.49
CA ARG A 435 -1.54 -16.70 4.04
C ARG A 435 -1.31 -18.16 3.63
N TYR A 436 -2.24 -18.69 2.83
CA TYR A 436 -2.09 -20.03 2.28
C TYR A 436 -1.17 -19.96 1.07
N VAL A 437 -0.08 -20.73 1.16
CA VAL A 437 0.92 -20.80 0.09
C VAL A 437 1.00 -22.27 -0.36
N PRO A 438 0.07 -22.69 -1.24
CA PRO A 438 0.02 -24.11 -1.55
C PRO A 438 1.18 -24.61 -2.43
N ASP A 439 1.82 -23.74 -3.20
CA ASP A 439 2.88 -24.18 -4.11
C ASP A 439 4.25 -24.46 -3.46
N LEU A 440 4.28 -24.56 -2.13
CA LEU A 440 5.49 -25.01 -1.42
C LEU A 440 5.85 -26.47 -1.71
N GLU A 441 4.84 -27.28 -2.04
CA GLU A 441 5.04 -28.68 -2.43
C GLU A 441 5.11 -28.87 -3.96
N ALA A 442 5.33 -27.78 -4.69
CA ALA A 442 5.32 -27.81 -6.16
C ALA A 442 6.52 -28.59 -6.63
N ARG A 443 6.30 -29.48 -7.58
CA ARG A 443 7.38 -30.31 -8.16
C ARG A 443 8.37 -29.51 -9.02
N VAL A 444 7.95 -28.36 -9.55
CA VAL A 444 8.82 -27.54 -10.40
C VAL A 444 9.55 -26.54 -9.51
N LYS A 445 10.88 -26.55 -9.58
CA LYS A 445 11.73 -25.78 -8.66
C LYS A 445 11.47 -24.28 -8.70
N SER A 446 11.41 -23.72 -9.90
CA SER A 446 11.22 -22.28 -10.04
C SER A 446 9.90 -21.82 -9.40
N VAL A 447 8.85 -22.62 -9.56
CA VAL A 447 7.55 -22.38 -8.94
C VAL A 447 7.62 -22.62 -7.43
N ARG A 448 8.34 -23.66 -7.01
CA ARG A 448 8.52 -23.93 -5.59
C ARG A 448 9.26 -22.80 -4.89
N GLU A 449 10.36 -22.35 -5.48
CA GLU A 449 11.24 -21.37 -4.85
C GLU A 449 10.60 -19.99 -4.84
N ALA A 450 9.81 -19.69 -5.88
CA ALA A 450 8.92 -18.52 -5.89
C ALA A 450 7.96 -18.55 -4.68
N ALA A 451 7.31 -19.70 -4.48
CA ALA A 451 6.35 -19.89 -3.38
C ALA A 451 7.03 -19.69 -2.02
N GLU A 452 8.20 -20.29 -1.85
CA GLU A 452 9.02 -20.10 -0.65
C GLU A 452 9.32 -18.63 -0.35
N ARG A 453 9.70 -17.87 -1.38
CA ARG A 453 10.04 -16.46 -1.23
C ARG A 453 8.84 -15.62 -0.76
N MET A 454 7.67 -15.93 -1.32
CA MET A 454 6.40 -15.34 -0.88
C MET A 454 6.09 -15.75 0.56
N ALA A 455 6.32 -17.02 0.87
CA ALA A 455 5.97 -17.59 2.15
C ALA A 455 6.67 -16.92 3.34
N PHE A 456 8.01 -16.87 3.32
CA PHE A 456 8.74 -16.32 4.45
C PHE A 456 8.75 -14.77 4.50
N ASN A 457 8.40 -14.12 3.40
CA ASN A 457 8.18 -12.68 3.40
C ASN A 457 6.95 -12.27 4.20
N MET A 458 5.87 -13.04 4.06
CA MET A 458 4.56 -12.66 4.57
C MET A 458 4.52 -12.39 6.08
N PRO A 459 5.00 -13.32 6.91
CA PRO A 459 5.02 -13.03 8.35
C PRO A 459 5.69 -11.72 8.73
N VAL A 460 6.70 -11.30 7.97
CA VAL A 460 7.48 -10.10 8.27
C VAL A 460 6.74 -8.84 7.82
N GLN A 461 6.43 -8.76 6.53
CA GLN A 461 5.68 -7.64 5.97
C GLN A 461 4.28 -7.54 6.57
N GLY A 462 3.67 -8.69 6.86
CA GLY A 462 2.33 -8.76 7.43
C GLY A 462 2.25 -8.37 8.89
N THR A 463 3.25 -8.78 9.68
CA THR A 463 3.36 -8.36 11.08
C THR A 463 3.48 -6.85 11.15
N ALA A 464 4.36 -6.28 10.34
CA ALA A 464 4.51 -4.83 10.23
C ALA A 464 3.19 -4.16 9.86
N ALA A 465 2.45 -4.77 8.93
CA ALA A 465 1.13 -4.29 8.55
C ALA A 465 0.15 -4.33 9.71
N ASP A 466 0.20 -5.40 10.50
CA ASP A 466 -0.62 -5.50 11.70
C ASP A 466 -0.28 -4.41 12.74
N LEU A 467 1.01 -4.14 12.92
CA LEU A 467 1.45 -3.11 13.89
C LEU A 467 0.96 -1.73 13.49
N MET A 468 1.11 -1.40 12.20
CA MET A 468 0.66 -0.11 11.68
C MET A 468 -0.85 0.04 11.78
N LYS A 469 -1.58 -1.03 11.47
CA LYS A 469 -3.04 -1.06 11.63
C LYS A 469 -3.47 -0.88 13.08
N LEU A 470 -2.78 -1.57 13.99
CA LEU A 470 -3.08 -1.51 15.40
C LEU A 470 -2.81 -0.11 15.95
N ALA A 471 -1.66 0.44 15.57
CA ALA A 471 -1.27 1.80 15.94
C ALA A 471 -2.32 2.81 15.49
N MET A 472 -2.87 2.60 14.32
CA MET A 472 -3.93 3.46 13.81
C MET A 472 -5.20 3.42 14.65
N VAL A 473 -5.59 2.21 15.09
CA VAL A 473 -6.80 2.01 15.88
C VAL A 473 -6.68 2.75 17.22
N LYS A 474 -5.51 2.60 17.86
CA LYS A 474 -5.20 3.27 19.12
C LYS A 474 -5.04 4.78 18.98
N LEU A 475 -4.48 5.25 17.87
CA LEU A 475 -4.14 6.66 17.70
C LEU A 475 -5.35 7.51 17.32
N PHE A 476 -6.17 7.01 16.42
CA PHE A 476 -7.32 7.77 15.88
C PHE A 476 -8.24 8.46 16.90
N PRO A 477 -8.72 7.74 17.94
CA PRO A 477 -9.54 8.43 18.95
C PRO A 477 -8.81 9.57 19.66
N ARG A 478 -7.52 9.38 19.94
CA ARG A 478 -6.71 10.40 20.60
C ARG A 478 -6.53 11.64 19.72
N LEU A 479 -6.45 11.45 18.39
CA LEU A 479 -6.36 12.56 17.46
C LEU A 479 -7.61 13.41 17.46
N GLU A 480 -8.79 12.79 17.40
CA GLU A 480 -10.04 13.55 17.40
C GLU A 480 -10.33 14.26 18.74
N GLU A 481 -9.82 13.72 19.85
CA GLU A 481 -9.79 14.47 21.12
C GLU A 481 -8.91 15.72 21.03
N MET A 482 -7.94 15.71 20.11
CA MET A 482 -7.06 16.85 19.89
C MET A 482 -7.43 17.74 18.71
N GLY A 483 -8.55 17.46 18.04
CA GLY A 483 -8.93 18.21 16.83
C GLY A 483 -7.90 18.15 15.71
N ALA A 484 -7.29 16.98 15.55
CA ALA A 484 -6.39 16.67 14.43
C ALA A 484 -7.01 15.55 13.60
N ARG A 485 -6.53 15.42 12.36
CA ARG A 485 -7.05 14.43 11.42
C ARG A 485 -5.99 13.41 11.05
N MET A 486 -6.44 12.22 10.70
CA MET A 486 -5.58 11.21 10.07
C MET A 486 -5.90 11.25 8.58
N LEU A 487 -4.88 11.44 7.75
CA LEU A 487 -5.09 11.65 6.33
C LEU A 487 -4.75 10.43 5.48
N LEU A 488 -3.50 9.96 5.61
CA LEU A 488 -3.00 8.87 4.80
C LEU A 488 -2.22 7.88 5.63
N GLN A 489 -2.22 6.63 5.15
CA GLN A 489 -1.29 5.59 5.57
C GLN A 489 -0.54 5.15 4.33
N VAL A 490 0.78 5.04 4.45
CA VAL A 490 1.65 4.57 3.37
C VAL A 490 2.50 3.44 3.95
N HIS A 491 1.80 2.37 4.30
CA HIS A 491 2.37 1.11 4.80
C HIS A 491 3.06 1.14 6.16
N ASP A 492 4.14 1.92 6.33
CA ASP A 492 4.75 2.11 7.66
C ASP A 492 4.85 3.57 8.01
N GLU A 493 4.02 4.38 7.37
CA GLU A 493 3.99 5.80 7.56
C GLU A 493 2.56 6.26 7.73
N LEU A 494 2.38 7.29 8.54
CA LEU A 494 1.10 7.99 8.64
C LEU A 494 1.29 9.47 8.39
N VAL A 495 0.29 10.06 7.74
CA VAL A 495 0.26 11.50 7.48
C VAL A 495 -0.97 12.07 8.17
N LEU A 496 -0.71 13.01 9.09
CA LEU A 496 -1.75 13.65 9.90
C LEU A 496 -1.83 15.13 9.55
N GLU A 497 -3.01 15.70 9.75
CA GLU A 497 -3.24 17.12 9.64
C GLU A 497 -3.61 17.66 11.02
N ALA A 498 -2.75 18.52 11.56
CA ALA A 498 -2.96 19.13 12.86
C ALA A 498 -2.89 20.65 12.73
N PRO A 499 -3.73 21.39 13.49
CA PRO A 499 -3.59 22.85 13.55
C PRO A 499 -2.23 23.28 14.08
N LYS A 500 -1.65 24.32 13.48
CA LYS A 500 -0.33 24.87 13.88
C LYS A 500 -0.12 24.85 15.39
N GLU A 501 -1.08 25.45 16.10
CA GLU A 501 -1.06 25.52 17.57
C GLU A 501 -0.75 24.15 18.20
N ARG A 502 -1.54 23.14 17.84
CA ARG A 502 -1.40 21.80 18.43
C ARG A 502 -0.57 20.83 17.57
N ALA A 503 0.14 21.34 16.56
CA ALA A 503 0.85 20.46 15.63
C ALA A 503 1.96 19.68 16.32
N GLU A 504 2.81 20.37 17.08
CA GLU A 504 3.94 19.72 17.74
C GLU A 504 3.47 18.73 18.81
N ALA A 505 2.40 19.10 19.51
CA ALA A 505 1.78 18.21 20.51
C ALA A 505 1.31 16.90 19.88
N VAL A 506 0.62 16.99 18.75
CA VAL A 506 0.13 15.81 18.04
C VAL A 506 1.31 14.91 17.63
N ALA A 507 2.33 15.51 17.04
CA ALA A 507 3.53 14.80 16.62
C ALA A 507 4.17 14.02 17.77
N ARG A 508 4.33 14.67 18.92
CA ARG A 508 4.90 13.97 20.08
C ARG A 508 4.04 12.77 20.48
N LEU A 509 2.73 13.00 20.62
CA LEU A 509 1.80 11.94 21.02
C LEU A 509 1.84 10.77 20.07
N ALA A 510 1.57 11.07 18.79
CA ALA A 510 1.50 10.07 17.74
C ALA A 510 2.77 9.22 17.61
N LYS A 511 3.93 9.83 17.83
CA LYS A 511 5.19 9.10 17.88
C LYS A 511 5.14 8.06 19.00
N GLU A 512 4.87 8.51 20.22
CA GLU A 512 4.81 7.60 21.39
C GLU A 512 3.81 6.47 21.19
N VAL A 513 2.67 6.78 20.58
CA VAL A 513 1.64 5.77 20.33
C VAL A 513 2.18 4.73 19.38
N MET A 514 2.81 5.19 18.30
CA MET A 514 3.34 4.30 17.28
C MET A 514 4.52 3.46 17.79
N GLU A 515 5.43 4.07 18.54
CA GLU A 515 6.59 3.32 19.08
C GLU A 515 6.16 2.26 20.11
N GLY A 516 5.21 2.62 20.98
CA GLY A 516 4.75 1.75 22.06
C GLY A 516 3.57 0.84 21.75
N VAL A 517 3.12 0.83 20.50
CA VAL A 517 1.93 0.08 20.06
C VAL A 517 1.89 -1.39 20.46
N TYR A 518 3.05 -2.04 20.46
CA TYR A 518 3.17 -3.43 20.88
C TYR A 518 4.66 -3.66 21.09
N PRO A 519 5.13 -3.54 22.31
CA PRO A 519 6.56 -3.71 22.52
C PRO A 519 7.07 -5.06 22.12
N LEU A 520 8.28 -5.07 21.57
CA LEU A 520 8.90 -6.29 21.12
C LEU A 520 10.30 -6.39 21.64
N ALA A 521 11.00 -7.41 21.21
CA ALA A 521 12.36 -7.59 21.62
C ALA A 521 13.24 -6.49 21.07
N VAL A 522 12.64 -5.47 20.50
CA VAL A 522 13.41 -4.36 19.98
C VAL A 522 12.61 -3.09 20.05
N PRO A 523 13.29 -1.99 20.23
CA PRO A 523 12.59 -0.70 20.22
C PRO A 523 12.12 -0.30 18.82
N LEU A 524 10.84 0.07 18.66
CA LEU A 524 10.33 0.54 17.38
C LEU A 524 10.51 2.05 17.24
N GLU A 525 11.66 2.50 16.74
CA GLU A 525 11.86 3.95 16.55
C GLU A 525 11.00 4.48 15.37
N VAL A 526 10.55 5.72 15.51
CA VAL A 526 9.72 6.38 14.49
C VAL A 526 10.32 7.73 14.18
N GLU A 527 10.55 8.03 12.89
CA GLU A 527 10.94 9.36 12.46
C GLU A 527 9.68 10.17 12.24
N VAL A 528 9.64 11.36 12.81
CA VAL A 528 8.52 12.26 12.64
C VAL A 528 9.04 13.57 12.10
N GLY A 529 8.23 14.23 11.28
CA GLY A 529 8.50 15.58 10.84
C GLY A 529 7.25 16.35 10.51
N ILE A 530 7.38 17.67 10.48
CA ILE A 530 6.25 18.59 10.39
C ILE A 530 6.51 19.61 9.27
N GLY A 531 5.47 19.97 8.52
CA GLY A 531 5.61 20.92 7.43
C GLY A 531 4.31 21.42 6.82
N GLU A 532 4.47 22.46 5.99
CA GLU A 532 3.37 23.02 5.21
C GLU A 532 2.99 22.09 4.06
N ASP A 533 3.95 21.26 3.61
CA ASP A 533 3.70 20.24 2.58
C ASP A 533 4.29 18.88 2.97
N TRP A 534 3.89 17.83 2.23
CA TRP A 534 4.34 16.45 2.48
C TRP A 534 5.85 16.28 2.34
N LEU A 535 6.47 16.93 1.37
CA LEU A 535 7.92 16.82 1.21
C LEU A 535 8.68 17.40 2.39
N SER A 536 8.28 18.60 2.82
CA SER A 536 8.90 19.29 3.95
CA SER A 536 8.92 19.28 3.94
C SER A 536 8.77 18.50 5.24
N ALA A 537 7.59 17.91 5.44
CA ALA A 537 7.30 17.10 6.62
C ALA A 537 8.26 15.93 6.83
N LYS A 538 8.64 15.21 5.79
CA LYS A 538 9.61 14.11 5.96
C LYS A 538 11.06 14.56 6.12
N GLU A 539 11.41 15.72 5.57
CA GLU A 539 12.80 16.24 5.64
C GLU A 539 13.21 16.69 7.05
N1 DOC B 12 7.34 0.32 -0.46
C2 DOC B 12 7.47 -1.02 -0.77
N3 DOC B 12 8.33 -1.42 -1.66
C4 DOC B 12 9.07 -0.54 -2.32
C5 DOC B 12 8.97 0.78 -2.06
C6 DOC B 12 8.08 1.20 -1.12
O2 DOC B 12 6.83 -1.87 -0.20
N4 DOC B 12 9.92 -0.97 -3.24
C1' DOC B 12 6.38 0.78 0.54
C2' DOC B 12 7.04 0.91 1.89
C3' DOC B 12 7.27 2.38 2.06
C4' DOC B 12 6.20 2.99 1.21
O4' DOC B 12 5.91 2.06 0.20
C5' DOC B 12 6.60 4.33 0.63
O5' DOC B 12 7.76 4.29 -0.15
P DOC B 12 8.41 5.65 -0.59
OP1 DOC B 12 8.16 6.62 0.44
OP2 DOC B 12 9.76 5.35 -0.96
P 92F C 12 0.44 6.16 -26.46
OP1 92F C 12 1.08 7.35 -27.15
OP2 92F C 12 -1.06 6.14 -26.52
O5' 92F C 12 1.11 4.85 -27.08
C5' 92F C 12 0.53 3.64 -26.69
C4' 92F C 12 1.34 2.48 -27.18
O4' 92F C 12 1.20 1.44 -26.22
C3' 92F C 12 0.79 1.96 -28.50
C2' 92F C 12 -0.28 0.99 -28.06
C1' 92F C 12 0.28 0.47 -26.74
N1 92F C 12 -0.75 0.28 -25.74
C6 92F C 12 -1.58 1.29 -25.43
C2 92F C 12 -0.84 -0.97 -25.07
O2 92F C 12 -0.07 -1.91 -25.34
N3 92F C 12 -1.77 -1.19 -24.12
C4 92F C 12 -2.62 -0.20 -23.79
C5 92F C 12 -2.55 1.11 -24.47
C20 92F C 12 -3.42 2.14 -24.16
N23 92F C 12 -3.55 -0.43 -22.85
C22 92F C 12 -4.42 0.53 -22.51
N26 92F C 12 -5.32 0.22 -21.55
C21 92F C 12 -4.38 1.89 -23.17
C24 92F C 12 -5.22 2.80 -22.86
N25 92F C 12 -6.00 3.65 -22.61
O3' 92F C 12 1.82 1.31 -29.23
PG DGT D . 13.24 3.82 6.86
O1G DGT D . 14.19 3.74 8.03
O2G DGT D . 13.66 4.77 5.79
O3G DGT D . 11.81 4.03 7.26
O3B DGT D . 13.41 2.34 6.23
PB DGT D . 12.27 1.24 6.13
O1B DGT D . 12.93 -0.11 6.14
O2B DGT D . 11.19 1.43 7.17
O3A DGT D . 11.75 1.54 4.63
PA DGT D . 10.39 2.29 4.23
O1A DGT D . 10.66 3.14 3.01
O2A DGT D . 9.80 3.01 5.41
O5' DGT D . 9.49 1.05 3.86
C5' DGT D . 8.78 0.33 4.86
C4' DGT D . 8.93 -1.17 4.68
O4' DGT D . 8.39 -1.62 3.44
C3' DGT D . 10.37 -1.65 4.72
O3' DGT D . 10.86 -1.81 6.04
C2' DGT D . 10.24 -2.96 3.99
C1' DGT D . 9.17 -2.70 2.94
N9 DGT D . 9.95 -2.33 1.73
C8 DGT D . 10.32 -1.11 1.31
N7 DGT D . 11.05 -1.20 0.19
C5 DGT D . 11.16 -2.51 -0.11
C6 DGT D . 11.81 -3.31 -1.16
O6 DGT D . 12.45 -2.74 -2.07
N1 DGT D . 11.69 -4.65 -1.09
C2 DGT D . 11.00 -5.27 -0.10
N2 DGT D . 10.90 -6.62 -0.08
N3 DGT D . 10.37 -4.59 0.89
C4 DGT D . 10.43 -3.24 0.92
MG MG E . 10.20 3.04 7.47
MG MG F . 8.13 4.41 4.58
C1 GOL G . -2.81 8.23 -9.90
O1 GOL G . -2.55 7.70 -8.59
C2 GOL G . -4.31 8.20 -10.24
O2 GOL G . -4.51 8.62 -11.60
C3 GOL G . -4.90 6.80 -10.09
O3 GOL G . -6.32 6.73 -10.38
#